data_4YVQ
#
_entry.id   4YVQ
#
_cell.length_a   74.735
_cell.length_b   74.735
_cell.length_c   161.659
_cell.angle_alpha   90.000
_cell.angle_beta   90.000
_cell.angle_gamma   120.000
#
_symmetry.space_group_name_H-M   'P 65 2 2'
#
loop_
_entity.id
_entity.type
_entity.pdbx_description
1 polymer 'Glutamyl-tRNA reductase 1, chloroplastic'
2 polymer 'Protein FLUORESCENT IN BLUE LIGHT, chloroplastic'
3 water water
#
loop_
_entity_poly.entity_id
_entity_poly.type
_entity_poly.pdbx_seq_one_letter_code
_entity_poly.pdbx_strand_id
1 'polypeptide(L)'
;MLETVPTIKKLRAYAERIRVAELEKCMSKMGDDINKKTTRAVDDLSRGIVNRFLHGPMQHLRCDGSDSRTLSETLENMHA
LNRMYGLEKDILEEKLKAMAEQQQK
;
A
2 'polypeptide(L)'
;MKYLLPTAAAGLLLLAAQPAMAMDIGINSDPHHHHHHIVEPKKQELISKLKTGKTFLRNQEPEKAYTEFKIALELAQSLK
DPTEEKKAARGLGASLQRQGKYREAIQYHSMVLAISKRESEDSGITEAYGAIADCYTELGDLEKAGKFYDTYIARLETD
;
C
#
# COMPACT_ATOMS: atom_id res chain seq x y z
N MET A 1 21.02 -8.18 -1.22
CA MET A 1 21.57 -7.73 -2.49
C MET A 1 20.50 -7.14 -3.38
N LEU A 2 20.92 -6.30 -4.32
CA LEU A 2 20.00 -5.47 -5.10
C LEU A 2 19.19 -6.23 -6.15
N GLU A 3 19.67 -7.39 -6.56
CA GLU A 3 19.06 -8.10 -7.69
C GLU A 3 17.66 -8.64 -7.42
N THR A 4 17.31 -8.81 -6.15
CA THR A 4 16.01 -9.39 -5.80
C THR A 4 14.97 -8.33 -5.50
N VAL A 5 15.40 -7.07 -5.42
CA VAL A 5 14.50 -5.96 -5.10
C VAL A 5 13.26 -5.86 -6.01
N PRO A 6 13.43 -5.94 -7.34
CA PRO A 6 12.23 -5.86 -8.18
C PRO A 6 11.26 -7.03 -7.96
N THR A 7 11.79 -8.21 -7.66
CA THR A 7 10.95 -9.38 -7.40
C THR A 7 10.05 -9.13 -6.20
N ILE A 8 10.60 -8.45 -5.20
CA ILE A 8 9.84 -8.06 -4.02
C ILE A 8 8.67 -7.17 -4.41
N LYS A 9 8.95 -6.19 -5.26
CA LYS A 9 7.92 -5.27 -5.74
C LYS A 9 6.84 -6.02 -6.51
N LYS A 10 7.28 -6.89 -7.43
CA LYS A 10 6.36 -7.64 -8.26
C LYS A 10 5.50 -8.60 -7.44
N LEU A 11 6.09 -9.20 -6.42
CA LEU A 11 5.36 -10.14 -5.58
C LEU A 11 4.32 -9.42 -4.75
N ARG A 12 4.65 -8.20 -4.34
CA ARG A 12 3.72 -7.37 -3.59
C ARG A 12 2.48 -7.07 -4.43
N ALA A 13 2.70 -6.70 -5.68
CA ALA A 13 1.62 -6.35 -6.58
C ALA A 13 0.76 -7.57 -6.92
N TYR A 14 1.40 -8.72 -7.05
CA TYR A 14 0.70 -9.97 -7.33
C TYR A 14 -0.24 -10.28 -6.17
N ALA A 15 0.30 -10.18 -4.96
CA ALA A 15 -0.45 -10.42 -3.75
C ALA A 15 -1.65 -9.48 -3.64
N GLU A 16 -1.41 -8.21 -3.94
CA GLU A 16 -2.42 -7.17 -3.78
C GLU A 16 -3.59 -7.32 -4.76
N ARG A 17 -3.29 -7.75 -5.99
CA ARG A 17 -4.33 -8.02 -6.99
C ARG A 17 -5.31 -9.05 -6.45
N ILE A 18 -4.77 -10.09 -5.83
CA ILE A 18 -5.59 -11.14 -5.24
C ILE A 18 -6.38 -10.63 -4.04
N ARG A 19 -5.69 -9.90 -3.16
CA ARG A 19 -6.32 -9.39 -1.96
C ARG A 19 -7.50 -8.48 -2.28
N VAL A 20 -7.28 -7.52 -3.17
CA VAL A 20 -8.34 -6.58 -3.57
C VAL A 20 -9.50 -7.28 -4.23
N ALA A 21 -9.20 -8.19 -5.16
CA ALA A 21 -10.23 -8.91 -5.89
C ALA A 21 -11.16 -9.68 -4.97
N GLU A 22 -10.58 -10.33 -3.97
CA GLU A 22 -11.35 -11.15 -3.05
C GLU A 22 -12.06 -10.31 -2.00
N LEU A 23 -11.42 -9.22 -1.59
CA LEU A 23 -12.03 -8.32 -0.61
C LEU A 23 -13.27 -7.66 -1.20
N GLU A 24 -13.20 -7.33 -2.48
CA GLU A 24 -14.32 -6.70 -3.17
C GLU A 24 -15.51 -7.66 -3.31
N LYS A 25 -15.22 -8.91 -3.63
CA LYS A 25 -16.25 -9.93 -3.74
C LYS A 25 -16.91 -10.15 -2.39
N CYS A 26 -16.11 -10.12 -1.34
CA CYS A 26 -16.60 -10.33 0.00
C CYS A 26 -17.58 -9.22 0.42
N MET A 27 -17.18 -7.98 0.20
CA MET A 27 -18.00 -6.82 0.57
C MET A 27 -19.33 -6.84 -0.18
N SER A 28 -19.30 -7.23 -1.45
CA SER A 28 -20.51 -7.30 -2.26
C SER A 28 -21.48 -8.34 -1.73
N LYS A 29 -20.95 -9.36 -1.07
CA LYS A 29 -21.78 -10.45 -0.56
C LYS A 29 -22.30 -10.20 0.85
N MET A 30 -22.05 -9.01 1.38
CA MET A 30 -22.46 -8.69 2.74
C MET A 30 -23.64 -7.71 2.78
N GLY A 31 -23.88 -7.04 1.67
CA GLY A 31 -25.05 -6.19 1.52
C GLY A 31 -25.08 -4.97 2.42
N ASP A 32 -25.97 -4.98 3.42
CA ASP A 32 -26.12 -3.86 4.33
C ASP A 32 -25.42 -4.11 5.66
N ASP A 33 -24.71 -5.24 5.76
CA ASP A 33 -24.00 -5.60 6.98
C ASP A 33 -22.66 -4.89 7.11
N ILE A 34 -22.29 -4.11 6.11
CA ILE A 34 -21.06 -3.32 6.13
C ILE A 34 -21.27 -2.06 6.98
N ASN A 35 -20.53 -1.98 8.09
CA ASN A 35 -20.42 -0.76 8.89
C ASN A 35 -18.93 -0.59 9.16
N LYS A 36 -18.56 0.52 9.81
CA LYS A 36 -17.15 0.87 10.00
C LYS A 36 -16.30 -0.26 10.57
N LYS A 37 -16.67 -0.74 11.75
CA LYS A 37 -15.86 -1.75 12.47
C LYS A 37 -15.85 -3.09 11.73
N THR A 38 -16.96 -3.41 11.08
CA THR A 38 -17.05 -4.64 10.32
C THR A 38 -16.19 -4.53 9.06
N THR A 39 -16.30 -3.40 8.38
CA THR A 39 -15.51 -3.15 7.17
C THR A 39 -14.02 -3.16 7.47
N ARG A 40 -13.64 -2.49 8.56
CA ARG A 40 -12.26 -2.43 8.99
C ARG A 40 -11.72 -3.83 9.33
N ALA A 41 -12.57 -4.63 9.97
CA ALA A 41 -12.17 -5.98 10.39
C ALA A 41 -11.84 -6.88 9.21
N VAL A 42 -12.69 -6.83 8.20
CA VAL A 42 -12.51 -7.66 7.00
C VAL A 42 -11.31 -7.19 6.19
N ASP A 43 -11.06 -5.89 6.20
CA ASP A 43 -9.89 -5.33 5.53
C ASP A 43 -8.62 -5.81 6.22
N ASP A 44 -8.61 -5.78 7.55
CA ASP A 44 -7.47 -6.25 8.34
C ASP A 44 -7.24 -7.74 8.11
N LEU A 45 -8.34 -8.47 7.92
CA LEU A 45 -8.26 -9.89 7.64
C LEU A 45 -7.54 -10.14 6.31
N SER A 46 -7.94 -9.39 5.29
CA SER A 46 -7.41 -9.58 3.95
C SER A 46 -5.92 -9.32 3.90
N ARG A 47 -5.48 -8.26 4.56
CA ARG A 47 -4.07 -7.95 4.55
C ARG A 47 -3.29 -8.71 5.63
N GLY A 48 -4.00 -9.21 6.64
CA GLY A 48 -3.38 -10.03 7.66
C GLY A 48 -2.94 -11.37 7.09
N ILE A 49 -3.81 -11.94 6.25
CA ILE A 49 -3.50 -13.21 5.61
C ILE A 49 -2.39 -13.05 4.58
N VAL A 50 -2.51 -12.02 3.74
CA VAL A 50 -1.53 -11.75 2.70
C VAL A 50 -0.15 -11.50 3.29
N ASN A 51 -0.09 -10.62 4.28
CA ASN A 51 1.18 -10.24 4.88
C ASN A 51 1.93 -11.38 5.56
N ARG A 52 1.19 -12.21 6.29
CA ARG A 52 1.80 -13.34 6.99
C ARG A 52 2.26 -14.39 6.01
N PHE A 53 1.66 -14.37 4.82
CA PHE A 53 2.04 -15.28 3.77
C PHE A 53 3.30 -14.80 3.07
N LEU A 54 3.39 -13.48 2.92
CA LEU A 54 4.49 -12.87 2.18
C LEU A 54 5.75 -12.73 3.01
N HIS A 55 5.61 -12.88 4.31
CA HIS A 55 6.74 -12.61 5.20
C HIS A 55 7.94 -13.51 4.94
N GLY A 56 7.72 -14.82 5.01
CA GLY A 56 8.76 -15.80 4.76
C GLY A 56 9.56 -15.57 3.48
N PRO A 57 8.88 -15.60 2.33
CA PRO A 57 9.53 -15.36 1.04
C PRO A 57 10.30 -14.04 0.97
N MET A 58 9.68 -12.96 1.44
CA MET A 58 10.28 -11.65 1.31
C MET A 58 11.43 -11.39 2.28
N GLN A 59 11.35 -12.02 3.44
CA GLN A 59 12.46 -12.01 4.37
C GLN A 59 13.64 -12.74 3.75
N HIS A 60 13.32 -13.80 3.01
CA HIS A 60 14.35 -14.63 2.38
C HIS A 60 14.81 -14.09 1.04
N LEU A 61 14.29 -12.93 0.66
CA LEU A 61 14.75 -12.28 -0.56
C LEU A 61 15.79 -11.21 -0.23
N ARG A 62 16.11 -11.09 1.06
CA ARG A 62 17.08 -10.10 1.49
C ARG A 62 18.11 -10.63 2.48
N CYS A 63 19.19 -9.87 2.66
CA CYS A 63 20.30 -10.24 3.54
C CYS A 63 20.91 -11.59 3.17
N ARG A 69 23.39 -16.10 5.23
CA ARG A 69 22.72 -16.75 4.10
C ARG A 69 23.47 -16.51 2.81
N THR A 70 23.79 -17.60 2.13
CA THR A 70 24.49 -17.51 0.86
C THR A 70 23.63 -16.75 -0.13
N LEU A 71 24.27 -15.91 -0.93
CA LEU A 71 23.61 -15.17 -1.99
C LEU A 71 22.98 -16.13 -3.01
N SER A 72 23.59 -17.30 -3.14
CA SER A 72 23.15 -18.29 -4.10
C SER A 72 21.74 -18.82 -3.84
N GLU A 73 21.43 -19.06 -2.56
CA GLU A 73 20.09 -19.53 -2.19
C GLU A 73 19.06 -18.43 -2.39
N THR A 74 19.48 -17.19 -2.14
CA THR A 74 18.59 -16.04 -2.32
C THR A 74 18.16 -15.91 -3.78
N LEU A 75 19.10 -16.13 -4.69
CA LEU A 75 18.82 -16.07 -6.11
C LEU A 75 17.89 -17.21 -6.53
N GLU A 76 18.05 -18.37 -5.92
CA GLU A 76 17.20 -19.51 -6.21
C GLU A 76 15.79 -19.31 -5.68
N ASN A 77 15.69 -18.68 -4.52
CA ASN A 77 14.40 -18.28 -3.97
C ASN A 77 13.70 -17.36 -4.94
N MET A 78 14.46 -16.44 -5.53
CA MET A 78 13.94 -15.52 -6.52
C MET A 78 13.45 -16.24 -7.77
N HIS A 79 14.28 -17.15 -8.27
CA HIS A 79 13.96 -17.90 -9.47
C HIS A 79 12.72 -18.75 -9.28
N ALA A 80 12.63 -19.39 -8.11
CA ALA A 80 11.50 -20.25 -7.81
C ALA A 80 10.21 -19.44 -7.76
N LEU A 81 10.27 -18.27 -7.15
CA LEU A 81 9.11 -17.38 -7.09
C LEU A 81 8.71 -16.94 -8.48
N ASN A 82 9.70 -16.63 -9.31
CA ASN A 82 9.45 -16.23 -10.68
C ASN A 82 8.69 -17.32 -11.44
N ARG A 83 9.08 -18.57 -11.24
CA ARG A 83 8.43 -19.69 -11.90
C ARG A 83 7.03 -19.94 -11.34
N MET A 84 6.93 -19.92 -10.02
CA MET A 84 5.70 -20.30 -9.34
C MET A 84 4.58 -19.28 -9.52
N TYR A 85 4.95 -18.00 -9.56
CA TYR A 85 3.94 -16.96 -9.64
C TYR A 85 3.93 -16.24 -10.98
N GLY A 86 4.83 -16.64 -11.87
CA GLY A 86 4.89 -16.04 -13.20
C GLY A 86 5.17 -14.55 -13.16
N LEU A 87 6.11 -14.15 -12.30
CA LEU A 87 6.41 -12.74 -12.09
C LEU A 87 7.08 -12.10 -13.30
N GLU A 88 7.92 -12.85 -13.98
CA GLU A 88 8.58 -12.37 -15.20
C GLU A 88 7.87 -12.89 -16.43
N LYS A 89 6.82 -12.18 -16.86
CA LYS A 89 6.01 -12.59 -18.00
C LYS A 89 6.83 -12.61 -19.29
N PRO B 41 -22.06 16.57 8.94
CA PRO B 41 -21.37 17.83 9.24
C PRO B 41 -20.58 18.40 8.03
N LYS B 42 -19.48 17.73 7.66
CA LYS B 42 -18.59 18.09 6.54
C LYS B 42 -17.61 16.98 6.57
N LYS B 43 -17.62 16.36 7.73
CA LYS B 43 -17.15 15.02 7.86
C LYS B 43 -17.86 14.16 6.82
N GLN B 44 -19.11 14.49 6.55
CA GLN B 44 -19.90 13.85 5.50
C GLN B 44 -19.21 13.97 4.13
N GLU B 45 -18.71 15.17 3.83
CA GLU B 45 -18.05 15.41 2.56
C GLU B 45 -16.71 14.70 2.51
N LEU B 46 -16.05 14.61 3.65
CA LEU B 46 -14.78 13.91 3.75
C LEU B 46 -14.93 12.44 3.38
N ILE B 47 -15.96 11.80 3.93
CA ILE B 47 -16.25 10.41 3.62
C ILE B 47 -16.52 10.25 2.14
N SER B 48 -17.29 11.18 1.59
CA SER B 48 -17.65 11.16 0.17
C SER B 48 -16.43 11.32 -0.72
N LYS B 49 -15.56 12.26 -0.37
CA LYS B 49 -14.38 12.54 -1.17
C LYS B 49 -13.40 11.38 -1.19
N LEU B 50 -13.34 10.65 -0.09
CA LEU B 50 -12.46 9.49 -0.01
C LEU B 50 -13.01 8.34 -0.84
N LYS B 51 -14.32 8.12 -0.77
CA LYS B 51 -14.96 7.05 -1.52
C LYS B 51 -14.93 7.35 -3.01
N THR B 52 -15.16 8.61 -3.37
CA THR B 52 -15.16 9.02 -4.76
C THR B 52 -13.78 8.87 -5.38
N GLY B 53 -12.76 9.29 -4.63
CA GLY B 53 -11.39 9.16 -5.10
C GLY B 53 -10.98 7.72 -5.29
N LYS B 54 -11.45 6.86 -4.39
CA LYS B 54 -11.17 5.44 -4.46
C LYS B 54 -11.85 4.83 -5.68
N THR B 55 -12.98 5.41 -6.07
CA THR B 55 -13.72 4.93 -7.22
C THR B 55 -13.06 5.32 -8.54
N PHE B 56 -12.64 6.57 -8.63
CA PHE B 56 -11.95 7.05 -9.82
C PHE B 56 -10.64 6.30 -10.05
N LEU B 57 -9.99 5.90 -8.96
CA LEU B 57 -8.73 5.17 -9.04
C LEU B 57 -8.98 3.75 -9.57
N ARG B 58 -10.09 3.16 -9.17
CA ARG B 58 -10.46 1.82 -9.61
C ARG B 58 -10.89 1.79 -11.07
N ASN B 59 -11.22 2.97 -11.62
CA ASN B 59 -11.69 3.06 -13.00
C ASN B 59 -10.72 3.78 -13.93
N GLN B 60 -9.43 3.60 -13.69
CA GLN B 60 -8.38 4.14 -14.56
C GLN B 60 -8.43 5.67 -14.70
N GLU B 61 -8.77 6.36 -13.61
CA GLU B 61 -8.83 7.82 -13.62
C GLU B 61 -8.08 8.41 -12.42
N PRO B 62 -6.74 8.35 -12.45
CA PRO B 62 -5.92 8.82 -11.33
C PRO B 62 -5.90 10.34 -11.18
N GLU B 63 -6.09 11.07 -12.28
CA GLU B 63 -6.11 12.53 -12.23
C GLU B 63 -7.36 13.03 -11.49
N LYS B 64 -8.51 12.51 -11.90
CA LYS B 64 -9.78 12.84 -11.25
C LYS B 64 -9.72 12.44 -9.78
N ALA B 65 -9.10 11.29 -9.52
CA ALA B 65 -8.97 10.78 -8.16
C ALA B 65 -8.06 11.66 -7.32
N TYR B 66 -6.98 12.15 -7.93
CA TYR B 66 -6.05 13.04 -7.26
C TYR B 66 -6.78 14.28 -6.75
N THR B 67 -7.70 14.79 -7.57
CA THR B 67 -8.47 15.97 -7.22
C THR B 67 -9.32 15.71 -5.98
N GLU B 68 -9.93 14.53 -5.93
CA GLU B 68 -10.80 14.17 -4.81
C GLU B 68 -10.03 14.02 -3.51
N PHE B 69 -8.96 13.22 -3.55
CA PHE B 69 -8.13 12.98 -2.37
C PHE B 69 -7.52 14.28 -1.85
N LYS B 70 -7.23 15.20 -2.78
CA LYS B 70 -6.64 16.49 -2.42
C LYS B 70 -7.61 17.31 -1.57
N ILE B 71 -8.89 17.28 -1.94
CA ILE B 71 -9.93 17.94 -1.17
C ILE B 71 -10.09 17.25 0.18
N ALA B 72 -10.10 15.92 0.15
CA ALA B 72 -10.22 15.13 1.37
C ALA B 72 -9.07 15.40 2.32
N LEU B 73 -7.88 15.61 1.76
CA LEU B 73 -6.70 15.92 2.57
C LEU B 73 -6.90 17.25 3.29
N GLU B 74 -7.39 18.24 2.56
CA GLU B 74 -7.66 19.55 3.14
C GLU B 74 -8.75 19.46 4.20
N LEU B 75 -9.79 18.70 3.89
CA LEU B 75 -10.89 18.49 4.82
C LEU B 75 -10.40 17.84 6.12
N ALA B 76 -9.67 16.74 5.98
CA ALA B 76 -9.16 16.00 7.14
C ALA B 76 -8.22 16.84 8.00
N GLN B 77 -7.42 17.69 7.35
CA GLN B 77 -6.50 18.58 8.06
C GLN B 77 -7.28 19.69 8.77
N SER B 78 -8.23 20.27 8.07
CA SER B 78 -9.07 21.32 8.64
C SER B 78 -9.97 20.78 9.75
N LEU B 79 -10.26 19.49 9.68
CA LEU B 79 -11.12 18.84 10.67
C LEU B 79 -10.28 18.23 11.78
N LYS B 80 -8.96 18.28 11.59
CA LYS B 80 -8.00 17.73 12.55
C LYS B 80 -8.26 16.24 12.80
N ASP B 81 -8.42 15.48 11.72
CA ASP B 81 -8.64 14.03 11.82
C ASP B 81 -7.49 13.29 11.15
N PRO B 82 -6.46 12.93 11.93
CA PRO B 82 -5.24 12.29 11.45
C PRO B 82 -5.50 10.96 10.76
N THR B 83 -6.42 10.17 11.32
CA THR B 83 -6.75 8.87 10.77
C THR B 83 -7.18 8.96 9.32
N GLU B 84 -8.03 9.94 9.03
CA GLU B 84 -8.51 10.15 7.67
C GLU B 84 -7.48 10.89 6.83
N GLU B 85 -6.63 11.65 7.48
CA GLU B 85 -5.56 12.37 6.79
C GLU B 85 -4.58 11.38 6.19
N LYS B 86 -4.32 10.29 6.90
CA LYS B 86 -3.44 9.22 6.42
C LYS B 86 -4.07 8.52 5.21
N LYS B 87 -5.38 8.32 5.27
CA LYS B 87 -6.11 7.70 4.17
C LYS B 87 -6.08 8.60 2.93
N ALA B 88 -6.27 9.89 3.16
CA ALA B 88 -6.23 10.86 2.06
C ALA B 88 -4.84 10.93 1.46
N ALA B 89 -3.84 10.88 2.32
CA ALA B 89 -2.45 10.93 1.89
C ALA B 89 -2.11 9.72 1.01
N ARG B 90 -2.59 8.55 1.40
CA ARG B 90 -2.34 7.34 0.63
C ARG B 90 -3.00 7.41 -0.75
N GLY B 91 -4.22 7.93 -0.78
CA GLY B 91 -4.95 8.09 -2.03
C GLY B 91 -4.21 8.94 -3.03
N LEU B 92 -3.62 10.03 -2.53
CA LEU B 92 -2.81 10.90 -3.37
C LEU B 92 -1.57 10.18 -3.85
N GLY B 93 -0.92 9.45 -2.95
CA GLY B 93 0.26 8.66 -3.29
C GLY B 93 -0.05 7.67 -4.39
N ALA B 94 -1.16 6.96 -4.25
CA ALA B 94 -1.59 5.95 -5.21
C ALA B 94 -1.92 6.58 -6.56
N SER B 95 -2.58 7.74 -6.52
CA SER B 95 -2.95 8.44 -7.73
C SER B 95 -1.72 8.90 -8.49
N LEU B 96 -0.70 9.31 -7.75
CA LEU B 96 0.52 9.81 -8.35
C LEU B 96 1.37 8.69 -8.96
N GLN B 97 1.49 7.56 -8.25
CA GLN B 97 2.20 6.40 -8.77
C GLN B 97 1.56 5.94 -10.06
N ARG B 98 0.23 5.92 -10.06
CA ARG B 98 -0.54 5.55 -11.23
CA ARG B 98 -0.51 5.44 -11.20
C ARG B 98 -0.29 6.40 -12.41
N GLN B 99 0.14 7.62 -12.12
CA GLN B 99 0.45 8.55 -13.16
C GLN B 99 1.92 8.50 -13.52
N GLY B 100 2.69 7.78 -12.72
CA GLY B 100 4.12 7.64 -12.95
C GLY B 100 4.94 8.69 -12.24
N LYS B 101 4.27 9.53 -11.47
CA LYS B 101 4.94 10.56 -10.69
C LYS B 101 5.39 9.99 -9.35
N TYR B 102 6.42 9.15 -9.37
CA TYR B 102 6.86 8.43 -8.19
C TYR B 102 7.51 9.32 -7.13
N ARG B 103 8.27 10.32 -7.58
CA ARG B 103 8.94 11.23 -6.66
C ARG B 103 7.92 12.04 -5.84
N GLU B 104 6.87 12.51 -6.50
CA GLU B 104 5.82 13.24 -5.81
C GLU B 104 5.00 12.28 -4.95
N ALA B 105 4.86 11.05 -5.42
CA ALA B 105 4.11 10.03 -4.70
C ALA B 105 4.76 9.73 -3.36
N ILE B 106 6.09 9.74 -3.33
CA ILE B 106 6.83 9.51 -2.10
C ILE B 106 6.53 10.58 -1.06
N GLN B 107 6.41 11.82 -1.50
CA GLN B 107 6.11 12.93 -0.61
C GLN B 107 4.81 12.72 0.16
N TYR B 108 3.82 12.13 -0.51
CA TYR B 108 2.53 11.92 0.10
C TYR B 108 2.44 10.65 0.95
N HIS B 109 3.15 9.61 0.54
CA HIS B 109 3.23 8.39 1.35
C HIS B 109 4.04 8.65 2.62
N SER B 110 5.03 9.54 2.52
CA SER B 110 5.86 9.90 3.67
C SER B 110 5.03 10.61 4.74
N MET B 111 3.97 11.29 4.32
CA MET B 111 3.07 11.97 5.25
C MET B 111 2.45 10.97 6.22
N VAL B 112 2.09 9.80 5.70
CA VAL B 112 1.51 8.75 6.51
C VAL B 112 2.45 8.39 7.65
N LEU B 113 3.74 8.36 7.36
CA LEU B 113 4.75 8.11 8.37
C LEU B 113 4.81 9.28 9.34
N ALA B 114 4.85 10.50 8.78
CA ALA B 114 4.95 11.72 9.57
C ALA B 114 3.77 11.91 10.49
N ILE B 115 2.56 11.76 9.95
CA ILE B 115 1.34 11.88 10.75
C ILE B 115 1.34 10.85 11.87
N SER B 116 1.76 9.63 11.54
CA SER B 116 1.80 8.54 12.49
C SER B 116 2.75 8.82 13.66
N LYS B 117 3.85 9.50 13.36
CA LYS B 117 4.85 9.79 14.37
C LYS B 117 4.35 10.90 15.30
N ARG B 118 3.69 11.89 14.71
CA ARG B 118 3.13 13.00 15.46
C ARG B 118 1.97 12.53 16.34
N GLU B 119 1.39 11.38 16.02
CA GLU B 119 0.16 10.93 16.68
C GLU B 119 0.29 9.62 17.45
N SER B 120 1.42 8.95 17.28
CA SER B 120 1.63 7.63 17.89
C SER B 120 0.54 6.64 17.49
N GLU B 121 0.14 6.73 16.22
CA GLU B 121 -0.86 5.81 15.66
C GLU B 121 -0.30 5.20 14.38
N ASP B 122 -0.20 3.87 14.36
CA ASP B 122 0.60 3.20 13.32
C ASP B 122 -0.17 2.53 12.20
N SER B 123 -1.42 2.95 11.97
CA SER B 123 -2.19 2.38 10.87
C SER B 123 -1.70 2.93 9.53
N GLY B 124 -1.54 2.05 8.56
CA GLY B 124 -1.11 2.46 7.23
C GLY B 124 0.41 2.52 7.08
N ILE B 125 1.09 2.45 8.22
CA ILE B 125 2.55 2.52 8.29
C ILE B 125 3.23 1.46 7.43
N THR B 126 2.80 0.21 7.59
CA THR B 126 3.38 -0.91 6.87
C THR B 126 3.19 -0.74 5.38
N GLU B 127 1.99 -0.32 4.98
CA GLU B 127 1.70 -0.13 3.57
C GLU B 127 2.48 1.05 3.01
N ALA B 128 2.61 2.09 3.82
CA ALA B 128 3.34 3.28 3.40
C ALA B 128 4.80 2.96 3.11
N TYR B 129 5.43 2.23 4.04
CA TYR B 129 6.82 1.79 3.86
C TYR B 129 7.00 1.03 2.55
N GLY B 130 6.06 0.14 2.26
CA GLY B 130 6.13 -0.68 1.07
C GLY B 130 5.91 0.11 -0.20
N ALA B 131 4.97 1.05 -0.14
CA ALA B 131 4.66 1.88 -1.29
C ALA B 131 5.84 2.78 -1.66
N ILE B 132 6.48 3.33 -0.63
CA ILE B 132 7.64 4.17 -0.82
C ILE B 132 8.77 3.36 -1.47
N ALA B 133 8.92 2.13 -1.01
CA ALA B 133 9.93 1.24 -1.56
C ALA B 133 9.61 0.90 -3.01
N ASP B 134 8.33 0.69 -3.30
CA ASP B 134 7.89 0.47 -4.67
C ASP B 134 8.26 1.65 -5.55
N CYS B 135 8.06 2.87 -5.02
CA CYS B 135 8.36 4.09 -5.74
C CYS B 135 9.86 4.23 -6.07
N TYR B 136 10.70 4.03 -5.06
CA TYR B 136 12.15 4.11 -5.25
C TYR B 136 12.62 3.07 -6.25
N THR B 137 11.98 1.91 -6.24
CA THR B 137 12.28 0.85 -7.19
C THR B 137 11.97 1.29 -8.61
N GLU B 138 10.86 2.00 -8.77
CA GLU B 138 10.47 2.54 -10.07
C GLU B 138 11.39 3.70 -10.48
N LEU B 139 12.04 4.31 -9.50
CA LEU B 139 12.95 5.43 -9.76
C LEU B 139 14.38 4.97 -10.00
N GLY B 140 14.65 3.70 -9.70
CA GLY B 140 15.95 3.14 -9.95
C GLY B 140 16.84 3.08 -8.73
N ASP B 141 16.42 3.74 -7.66
CA ASP B 141 17.17 3.72 -6.41
C ASP B 141 16.88 2.42 -5.66
N LEU B 142 17.46 1.33 -6.13
CA LEU B 142 17.23 0.02 -5.54
C LEU B 142 17.83 -0.08 -4.14
N GLU B 143 18.86 0.72 -3.89
CA GLU B 143 19.50 0.74 -2.59
C GLU B 143 18.54 1.26 -1.52
N LYS B 144 17.93 2.40 -1.79
CA LYS B 144 17.01 3.03 -0.85
C LYS B 144 15.70 2.26 -0.76
N ALA B 145 15.30 1.65 -1.88
CA ALA B 145 14.09 0.83 -1.92
C ALA B 145 14.25 -0.37 -0.99
N GLY B 146 15.44 -0.97 -1.02
CA GLY B 146 15.74 -2.11 -0.18
C GLY B 146 15.65 -1.79 1.30
N LYS B 147 16.09 -0.58 1.67
CA LYS B 147 16.05 -0.13 3.05
C LYS B 147 14.61 0.00 3.55
N PHE B 148 13.73 0.53 2.71
CA PHE B 148 12.33 0.67 3.06
C PHE B 148 11.60 -0.68 3.05
N TYR B 149 11.96 -1.56 2.12
CA TYR B 149 11.42 -2.91 2.09
C TYR B 149 11.77 -3.63 3.39
N ASP B 150 13.02 -3.50 3.81
CA ASP B 150 13.50 -4.10 5.05
C ASP B 150 12.68 -3.68 6.26
N THR B 151 12.35 -2.38 6.31
CA THR B 151 11.53 -1.87 7.40
C THR B 151 10.13 -2.46 7.34
N TYR B 152 9.66 -2.66 6.13
CA TYR B 152 8.32 -3.15 5.88
C TYR B 152 8.20 -4.66 6.12
N ILE B 153 9.26 -5.42 5.78
CA ILE B 153 9.29 -6.87 6.04
C ILE B 153 9.19 -7.14 7.53
N ALA B 154 9.87 -6.30 8.30
CA ALA B 154 9.94 -6.47 9.75
C ALA B 154 8.60 -6.29 10.45
N ARG B 155 7.60 -5.78 9.72
CA ARG B 155 6.28 -5.53 10.29
C ARG B 155 5.24 -6.52 9.78
N LEU B 156 5.62 -7.31 8.77
CA LEU B 156 4.69 -8.18 8.07
C LEU B 156 3.94 -9.18 8.96
N GLU B 157 4.48 -9.48 10.13
CA GLU B 157 3.85 -10.44 11.03
C GLU B 157 3.11 -9.78 12.18
N THR B 158 3.48 -8.53 12.47
CA THR B 158 2.85 -7.78 13.55
C THR B 158 1.57 -7.10 13.07
N ASP B 159 0.66 -6.86 14.01
CA ASP B 159 -0.61 -6.20 13.69
C ASP B 159 -1.19 -5.50 14.91
#